data_3VU0
#
_entry.id   3VU0
#
_cell.length_a   111.208
_cell.length_b   111.208
_cell.length_c   36.709
_cell.angle_alpha   90.00
_cell.angle_beta   90.00
_cell.angle_gamma   120.00
#
_symmetry.space_group_name_H-M   'P 31'
#
loop_
_entity.id
_entity.type
_entity.pdbx_description
1 polymer 'Putative uncharacterized protein'
2 non-polymer '2-(N-MORPHOLINO)-ETHANESULFONIC ACID'
3 water water
#
_entity_poly.entity_id   1
_entity_poly.type   'polypeptide(L)'
_entity_poly.pdbx_seq_one_letter_code
;(MSE)E(MSE)T(MSE)DWKEALNW(MSE)KENLEAQDYLKAYEKPDYAVLSWWDYGNWILYVAKKAVVCNNFQAGADDA
AKFFTAQSEEEA(MSE)KIVEKRKVRYVVTVEELTVKPETNKTKFIPI(MSE)QIAGYSPEY(MSE)KNKEIIDFFNKT
(MSE)LYKLHVENATNLTHFRLLKNFGTVKIFEVK
;
_entity_poly.pdbx_strand_id   A,B,C
#
# COMPACT_ATOMS: atom_id res chain seq x y z
N GLU A 2 -5.07 -25.18 -18.03
CA GLU A 2 -4.69 -26.42 -18.68
C GLU A 2 -3.45 -26.31 -19.55
N THR A 4 -1.54 -26.64 -22.83
CA THR A 4 -1.87 -26.60 -24.25
C THR A 4 -0.84 -27.34 -25.08
N ASP A 6 0.95 -26.16 -27.59
CA ASP A 6 2.12 -25.31 -27.71
C ASP A 6 3.01 -25.40 -26.47
N TRP A 7 2.40 -25.33 -25.29
CA TRP A 7 3.16 -25.41 -24.05
C TRP A 7 3.90 -26.73 -23.91
N LYS A 8 3.21 -27.82 -24.27
CA LYS A 8 3.78 -29.15 -24.20
C LYS A 8 5.04 -29.24 -25.05
N GLU A 9 4.96 -28.69 -26.26
CA GLU A 9 6.08 -28.71 -27.17
C GLU A 9 7.20 -27.79 -26.69
N ALA A 10 6.80 -26.65 -26.13
CA ALA A 10 7.77 -25.67 -25.63
C ALA A 10 8.56 -26.22 -24.45
N LEU A 11 7.84 -26.83 -23.52
CA LEU A 11 8.46 -27.39 -22.32
C LEU A 11 9.40 -28.55 -22.63
N ASN A 12 8.98 -29.42 -23.56
CA ASN A 12 9.83 -30.56 -23.94
C ASN A 12 11.07 -30.07 -24.66
N TRP A 13 10.91 -29.02 -25.48
CA TRP A 13 12.03 -28.46 -26.21
C TRP A 13 13.05 -27.87 -25.22
N LYS A 15 13.47 -28.61 -22.14
CA LYS A 15 13.99 -29.64 -21.27
C LYS A 15 15.25 -30.27 -21.88
N GLU A 16 15.23 -30.51 -23.19
CA GLU A 16 16.38 -31.13 -23.81
C GLU A 16 17.34 -30.20 -24.55
N ASN A 17 16.99 -28.92 -24.66
CA ASN A 17 17.85 -27.98 -25.36
C ASN A 17 18.55 -26.94 -24.49
N LEU A 18 17.91 -26.48 -23.43
CA LEU A 18 18.56 -25.50 -22.56
C LEU A 18 19.64 -26.20 -21.73
N GLU A 19 20.69 -25.48 -21.37
CA GLU A 19 21.78 -26.05 -20.58
C GLU A 19 21.28 -26.74 -19.32
N ALA A 20 21.64 -28.01 -19.17
CA ALA A 20 21.23 -28.83 -18.04
C ALA A 20 21.54 -28.22 -16.68
N GLN A 21 20.66 -28.51 -15.71
CA GLN A 21 20.82 -28.01 -14.35
C GLN A 21 20.67 -29.14 -13.35
N ASP A 31 22.49 -21.72 -11.55
CA ASP A 31 23.43 -21.10 -12.48
C ASP A 31 22.76 -19.97 -13.24
N TYR A 32 21.55 -20.22 -13.74
CA TYR A 32 20.80 -19.21 -14.47
C TYR A 32 19.34 -19.50 -14.25
N ALA A 33 18.49 -18.53 -14.59
CA ALA A 33 17.05 -18.70 -14.42
C ALA A 33 16.31 -18.35 -15.70
N VAL A 34 15.08 -18.82 -15.79
CA VAL A 34 14.21 -18.53 -16.93
C VAL A 34 13.14 -17.57 -16.41
N LEU A 35 12.99 -16.44 -17.07
CA LEU A 35 11.99 -15.46 -16.65
C LEU A 35 10.71 -15.56 -17.46
N SER A 36 9.59 -15.60 -16.76
CA SER A 36 8.27 -15.66 -17.38
C SER A 36 7.27 -15.17 -16.34
N TRP A 37 5.99 -15.22 -16.67
CA TRP A 37 4.96 -14.80 -15.72
C TRP A 37 4.86 -15.91 -14.67
N TRP A 38 4.53 -15.56 -13.43
CA TRP A 38 4.47 -16.56 -12.37
C TRP A 38 3.52 -17.73 -12.59
N ASP A 39 2.46 -17.54 -13.36
CA ASP A 39 1.50 -18.62 -13.62
C ASP A 39 2.15 -19.87 -14.22
N TYR A 40 3.21 -19.67 -14.99
CA TYR A 40 3.89 -20.79 -15.67
C TYR A 40 5.12 -21.34 -14.96
N GLY A 41 5.47 -20.71 -13.83
CA GLY A 41 6.64 -21.13 -13.08
C GLY A 41 6.77 -22.61 -12.79
N ASN A 42 5.73 -23.20 -12.22
CA ASN A 42 5.75 -24.62 -11.88
C ASN A 42 5.97 -25.53 -13.08
N TRP A 43 5.43 -25.14 -14.23
CA TRP A 43 5.59 -25.93 -15.44
C TRP A 43 7.05 -25.94 -15.87
N ILE A 44 7.65 -24.75 -15.89
CA ILE A 44 9.04 -24.62 -16.30
C ILE A 44 9.97 -25.31 -15.31
N LEU A 45 9.69 -25.12 -14.02
CA LEU A 45 10.51 -25.71 -12.97
C LEU A 45 10.38 -27.24 -12.88
N TYR A 46 9.16 -27.74 -12.90
CA TYR A 46 8.93 -29.18 -12.77
C TYR A 46 8.80 -30.01 -14.04
N VAL A 47 8.42 -29.37 -15.15
CA VAL A 47 8.29 -30.10 -16.40
C VAL A 47 9.54 -29.90 -17.26
N ALA A 48 10.01 -28.66 -17.34
CA ALA A 48 11.19 -28.35 -18.14
C ALA A 48 12.47 -28.53 -17.32
N LYS A 49 12.30 -28.62 -16.01
CA LYS A 49 13.42 -28.82 -15.09
C LYS A 49 14.42 -27.67 -15.12
N LYS A 50 13.92 -26.44 -15.18
CA LYS A 50 14.78 -25.27 -15.21
C LYS A 50 14.37 -24.27 -14.14
N ALA A 51 15.36 -23.63 -13.52
CA ALA A 51 15.11 -22.64 -12.47
C ALA A 51 14.32 -21.46 -13.03
N VAL A 52 13.44 -20.89 -12.20
CA VAL A 52 12.63 -19.77 -12.63
C VAL A 52 12.74 -18.53 -11.76
N VAL A 53 12.36 -17.39 -12.32
CA VAL A 53 12.38 -16.13 -11.59
C VAL A 53 11.20 -16.15 -10.62
N CYS A 54 10.11 -16.81 -10.99
CA CYS A 54 8.94 -16.88 -10.13
C CYS A 54 8.00 -18.03 -10.48
N ASN A 55 7.37 -18.60 -9.46
CA ASN A 55 6.42 -19.70 -9.65
C ASN A 55 5.20 -19.52 -8.76
N ASN A 56 5.19 -18.43 -8.01
CA ASN A 56 4.07 -18.11 -7.14
C ASN A 56 3.88 -16.60 -7.18
N PHE A 57 2.89 -16.10 -6.46
CA PHE A 57 2.62 -14.66 -6.46
C PHE A 57 3.51 -13.85 -5.52
N GLN A 58 3.84 -14.42 -4.38
CA GLN A 58 4.66 -13.74 -3.38
C GLN A 58 6.08 -13.41 -3.80
N ALA A 59 6.82 -14.40 -4.29
CA ALA A 59 8.20 -14.18 -4.69
C ALA A 59 8.48 -14.14 -6.18
N GLY A 60 9.31 -13.18 -6.59
CA GLY A 60 9.70 -13.03 -7.98
C GLY A 60 8.70 -12.49 -8.98
N ALA A 61 7.41 -12.62 -8.69
CA ALA A 61 6.37 -12.14 -9.60
C ALA A 61 6.54 -10.65 -9.90
N ASP A 62 6.94 -9.88 -8.89
CA ASP A 62 7.13 -8.45 -9.05
C ASP A 62 8.30 -8.13 -9.97
N ASP A 63 9.35 -8.95 -9.91
CA ASP A 63 10.52 -8.76 -10.77
C ASP A 63 10.10 -9.00 -12.22
N ALA A 64 9.31 -10.04 -12.43
CA ALA A 64 8.84 -10.38 -13.77
C ALA A 64 7.94 -9.28 -14.32
N ALA A 65 7.09 -8.72 -13.46
CA ALA A 65 6.18 -7.66 -13.87
C ALA A 65 6.95 -6.40 -14.25
N LYS A 66 7.97 -6.06 -13.46
CA LYS A 66 8.79 -4.87 -13.74
C LYS A 66 9.51 -5.06 -15.07
N PHE A 67 9.97 -6.28 -15.32
CA PHE A 67 10.67 -6.58 -16.56
C PHE A 67 9.73 -6.45 -17.76
N PHE A 68 8.55 -7.05 -17.68
CA PHE A 68 7.61 -7.00 -18.79
C PHE A 68 7.03 -5.61 -19.06
N THR A 69 6.87 -4.80 -18.03
CA THR A 69 6.32 -3.46 -18.22
C THR A 69 7.39 -2.40 -18.46
N ALA A 70 8.66 -2.81 -18.47
CA ALA A 70 9.76 -1.88 -18.69
C ALA A 70 9.66 -1.31 -20.11
N GLN A 71 10.00 -0.02 -20.26
CA GLN A 71 9.94 0.61 -21.57
C GLN A 71 11.30 0.75 -22.25
N SER A 72 12.36 0.37 -21.55
CA SER A 72 13.70 0.43 -22.13
C SER A 72 14.46 -0.83 -21.76
N GLU A 73 15.27 -1.32 -22.68
CA GLU A 73 16.06 -2.53 -22.44
C GLU A 73 16.99 -2.30 -21.26
N GLU A 74 17.45 -1.07 -21.12
CA GLU A 74 18.36 -0.72 -20.04
C GLU A 74 17.75 -1.04 -18.68
N GLU A 75 16.51 -0.60 -18.48
CA GLU A 75 15.82 -0.87 -17.23
C GLU A 75 15.51 -2.35 -17.08
N ALA A 76 15.22 -3.00 -18.20
CA ALA A 76 14.90 -4.42 -18.20
C ALA A 76 16.12 -5.28 -17.85
N LYS A 78 18.41 -4.62 -15.81
CA LYS A 78 18.72 -4.56 -14.38
C LYS A 78 18.13 -5.79 -13.70
N ILE A 79 16.91 -6.15 -14.10
CA ILE A 79 16.23 -7.32 -13.55
C ILE A 79 16.93 -8.59 -14.04
N VAL A 80 17.35 -8.59 -15.30
CA VAL A 80 18.05 -9.73 -15.87
C VAL A 80 19.33 -10.01 -15.10
N GLU A 81 20.10 -8.96 -14.83
CA GLU A 81 21.35 -9.11 -14.11
C GLU A 81 21.07 -9.52 -12.66
N LYS A 82 20.09 -8.88 -12.04
CA LYS A 82 19.73 -9.18 -10.66
C LYS A 82 19.28 -10.63 -10.46
N ARG A 83 18.55 -11.17 -11.43
CA ARG A 83 18.05 -12.52 -11.33
C ARG A 83 18.81 -13.59 -12.12
N LYS A 84 19.93 -13.22 -12.73
CA LYS A 84 20.72 -14.18 -13.51
C LYS A 84 19.84 -14.81 -14.62
N VAL A 85 19.09 -13.98 -15.31
CA VAL A 85 18.21 -14.44 -16.39
C VAL A 85 18.97 -14.71 -17.68
N ARG A 86 18.79 -15.92 -18.23
CA ARG A 86 19.45 -16.28 -19.48
C ARG A 86 18.43 -16.45 -20.60
N TYR A 87 17.20 -16.79 -20.23
CA TYR A 87 16.12 -16.98 -21.20
C TYR A 87 14.83 -16.37 -20.69
N VAL A 88 13.99 -15.92 -21.63
CA VAL A 88 12.70 -15.32 -21.29
C VAL A 88 11.61 -16.05 -22.09
N VAL A 89 10.50 -16.35 -21.43
CA VAL A 89 9.39 -17.03 -22.10
C VAL A 89 8.16 -16.12 -22.07
N THR A 90 7.63 -15.82 -23.24
CA THR A 90 6.43 -14.99 -23.35
C THR A 90 5.29 -15.85 -23.86
N VAL A 91 4.06 -15.42 -23.60
CA VAL A 91 2.89 -16.18 -24.04
C VAL A 91 1.85 -15.20 -24.57
N GLU A 92 1.16 -15.59 -25.64
CA GLU A 92 0.17 -14.70 -26.25
C GLU A 92 -0.90 -14.16 -25.30
N GLU A 93 -1.38 -14.99 -24.38
CA GLU A 93 -2.41 -14.53 -23.44
C GLU A 93 -1.96 -13.38 -22.54
N LEU A 94 -0.66 -13.07 -22.55
CA LEU A 94 -0.12 -11.97 -21.74
C LEU A 94 -0.21 -10.64 -22.47
N THR A 95 -0.34 -10.70 -23.79
CA THR A 95 -0.40 -9.50 -24.60
C THR A 95 -1.79 -8.90 -24.74
N VAL A 96 -1.83 -7.63 -25.13
CA VAL A 96 -3.10 -6.95 -25.33
C VAL A 96 -3.55 -7.25 -26.75
N LYS A 97 -4.80 -7.66 -26.90
CA LYS A 97 -5.35 -7.99 -28.21
C LYS A 97 -6.35 -6.92 -28.64
N PRO A 98 -6.32 -6.50 -29.92
CA PRO A 98 -7.23 -5.48 -30.43
C PRO A 98 -8.72 -5.83 -30.38
N GLU A 99 -9.03 -7.13 -30.42
CA GLU A 99 -10.42 -7.56 -30.42
C GLU A 99 -11.08 -7.72 -29.05
N THR A 100 -10.31 -7.53 -27.98
CA THR A 100 -10.88 -7.68 -26.64
C THR A 100 -10.12 -6.89 -25.58
N ASN A 101 -10.75 -6.69 -24.42
CA ASN A 101 -10.10 -5.98 -23.33
C ASN A 101 -9.46 -6.97 -22.38
N LYS A 102 -9.78 -8.25 -22.57
CA LYS A 102 -9.23 -9.32 -21.74
C LYS A 102 -7.77 -9.59 -22.04
N THR A 103 -6.97 -9.69 -20.98
CA THR A 103 -5.54 -9.95 -21.12
C THR A 103 -4.89 -10.04 -19.75
N LYS A 104 -3.86 -10.86 -19.63
CA LYS A 104 -3.19 -10.99 -18.36
C LYS A 104 -2.25 -9.80 -18.14
N PHE A 105 -2.21 -8.89 -19.12
CA PHE A 105 -1.36 -7.71 -18.99
C PHE A 105 -1.90 -6.83 -17.86
N ILE A 106 -3.20 -6.94 -17.58
CA ILE A 106 -3.83 -6.14 -16.52
C ILE A 106 -3.23 -6.52 -15.16
N PRO A 107 -3.29 -7.80 -14.77
CA PRO A 107 -2.71 -8.14 -13.47
C PRO A 107 -1.21 -7.87 -13.44
N ILE A 108 -0.56 -7.99 -14.61
CA ILE A 108 0.88 -7.72 -14.68
C ILE A 108 1.08 -6.24 -14.33
N GLN A 110 -0.99 -4.29 -12.60
CA GLN A 110 -1.35 -4.09 -11.20
C GLN A 110 -0.20 -4.47 -10.26
N ILE A 111 0.44 -5.60 -10.54
CA ILE A 111 1.54 -6.06 -9.71
C ILE A 111 2.76 -5.17 -9.89
N ALA A 112 2.84 -4.51 -11.05
CA ALA A 112 3.96 -3.60 -11.32
C ALA A 112 3.73 -2.26 -10.63
N GLY A 113 2.54 -2.06 -10.08
CA GLY A 113 2.24 -0.83 -9.38
C GLY A 113 1.30 0.15 -10.07
N TYR A 114 0.73 -0.26 -11.19
CA TYR A 114 -0.20 0.59 -11.93
C TYR A 114 -1.65 0.31 -11.56
N SER A 115 -2.53 1.27 -11.85
CA SER A 115 -3.96 1.13 -11.57
C SER A 115 -4.69 1.40 -12.88
N PRO A 116 -4.71 0.38 -13.77
CA PRO A 116 -5.34 0.46 -15.08
C PRO A 116 -6.78 0.98 -15.08
N GLU A 117 -7.53 0.75 -14.00
CA GLU A 117 -8.92 1.19 -13.97
C GLU A 117 -9.08 2.70 -14.08
N TYR A 118 -7.99 3.44 -13.87
CA TYR A 118 -8.05 4.90 -13.96
C TYR A 118 -7.55 5.37 -15.32
N LYS A 120 -7.58 5.30 -19.63
CA LYS A 120 -8.48 5.09 -20.76
C LYS A 120 -8.02 3.83 -21.47
N ASN A 121 -8.93 3.16 -22.15
CA ASN A 121 -8.56 1.93 -22.85
C ASN A 121 -7.35 2.15 -23.77
N LYS A 122 -7.38 3.23 -24.55
CA LYS A 122 -6.26 3.49 -25.46
C LYS A 122 -4.96 3.80 -24.72
N GLU A 123 -5.05 4.42 -23.55
CA GLU A 123 -3.84 4.71 -22.79
C GLU A 123 -3.17 3.39 -22.37
N ILE A 124 -3.98 2.37 -22.11
CA ILE A 124 -3.45 1.06 -21.72
C ILE A 124 -2.77 0.41 -22.93
N ILE A 125 -3.41 0.50 -24.09
CA ILE A 125 -2.87 -0.07 -25.33
C ILE A 125 -1.58 0.67 -25.70
N ASP A 126 -1.60 2.00 -25.66
CA ASP A 126 -0.41 2.77 -25.99
C ASP A 126 0.74 2.42 -25.05
N PHE A 127 0.43 2.24 -23.76
CA PHE A 127 1.46 1.86 -22.78
C PHE A 127 2.03 0.48 -23.15
N PHE A 128 1.14 -0.48 -23.41
CA PHE A 128 1.58 -1.83 -23.77
C PHE A 128 2.53 -1.82 -24.98
N ASN A 129 2.21 -1.01 -25.97
CA ASN A 129 3.03 -0.96 -27.17
C ASN A 129 4.45 -0.45 -26.97
N LYS A 130 4.77 0.07 -25.79
CA LYS A 130 6.10 0.57 -25.50
C LYS A 130 6.88 -0.37 -24.58
N THR A 131 6.23 -1.44 -24.13
CA THR A 131 6.86 -2.37 -23.19
C THR A 131 7.71 -3.48 -23.78
N LEU A 133 7.38 -6.59 -23.13
CA LEU A 133 6.48 -7.68 -23.52
C LEU A 133 6.08 -7.52 -24.98
N TYR A 134 5.80 -6.30 -25.38
CA TYR A 134 5.43 -6.01 -26.78
C TYR A 134 6.62 -6.23 -27.71
N LYS A 135 7.76 -5.63 -27.37
CA LYS A 135 8.96 -5.75 -28.21
C LYS A 135 9.43 -7.19 -28.33
N LEU A 136 9.13 -8.01 -27.33
CA LEU A 136 9.51 -9.42 -27.37
C LEU A 136 8.50 -10.26 -28.13
N HIS A 137 7.33 -10.46 -27.53
CA HIS A 137 6.31 -11.31 -28.14
C HIS A 137 5.74 -10.82 -29.46
N VAL A 138 5.36 -9.54 -29.53
CA VAL A 138 4.78 -9.02 -30.76
C VAL A 138 5.79 -8.75 -31.86
N GLU A 139 6.89 -8.05 -31.55
CA GLU A 139 7.89 -7.76 -32.57
C GLU A 139 8.96 -8.84 -32.73
N ASN A 140 8.88 -9.89 -31.92
CA ASN A 140 9.86 -10.97 -31.98
C ASN A 140 11.29 -10.50 -31.71
N ALA A 141 11.40 -9.49 -30.83
CA ALA A 141 12.68 -8.92 -30.43
C ALA A 141 13.52 -8.36 -31.57
N THR A 142 12.89 -8.11 -32.72
CA THR A 142 13.62 -7.58 -33.86
C THR A 142 14.22 -6.21 -33.56
N ASN A 143 13.61 -5.50 -32.62
CA ASN A 143 14.08 -4.17 -32.24
C ASN A 143 14.73 -4.13 -30.86
N LEU A 144 15.32 -5.25 -30.45
CA LEU A 144 15.97 -5.34 -29.15
C LEU A 144 17.44 -5.69 -29.36
N THR A 145 18.31 -5.15 -28.52
CA THR A 145 19.74 -5.41 -28.63
C THR A 145 20.21 -6.60 -27.80
N HIS A 146 19.63 -6.77 -26.62
CA HIS A 146 20.03 -7.85 -25.71
C HIS A 146 19.14 -9.09 -25.70
N PHE A 147 18.19 -9.17 -26.61
CA PHE A 147 17.28 -10.32 -26.65
C PHE A 147 17.11 -10.78 -28.09
N ARG A 148 16.98 -12.08 -28.27
CA ARG A 148 16.82 -12.65 -29.61
C ARG A 148 15.89 -13.85 -29.54
N LEU A 149 14.90 -13.89 -30.42
CA LEU A 149 13.96 -15.00 -30.45
C LEU A 149 14.72 -16.28 -30.78
N LEU A 150 14.57 -17.27 -29.91
CA LEU A 150 15.24 -18.55 -30.05
C LEU A 150 14.34 -19.58 -30.71
N LYS A 151 13.13 -19.73 -30.20
CA LYS A 151 12.20 -20.70 -30.75
C LYS A 151 10.77 -20.18 -30.61
N ASN A 152 9.99 -20.36 -31.67
CA ASN A 152 8.61 -19.89 -31.71
C ASN A 152 7.64 -21.08 -31.74
N PHE A 153 6.93 -21.29 -30.64
CA PHE A 153 5.97 -22.40 -30.54
C PHE A 153 4.54 -21.89 -30.69
N GLY A 154 4.33 -20.88 -31.54
CA GLY A 154 3.01 -20.34 -31.75
C GLY A 154 2.57 -19.33 -30.72
N THR A 155 1.91 -19.80 -29.67
CA THR A 155 1.43 -18.95 -28.59
C THR A 155 2.53 -18.77 -27.55
N VAL A 156 3.53 -19.65 -27.59
CA VAL A 156 4.65 -19.61 -26.65
C VAL A 156 5.97 -19.35 -27.38
N LYS A 157 6.71 -18.36 -26.91
CA LYS A 157 7.98 -18.00 -27.52
C LYS A 157 9.06 -17.94 -26.44
N ILE A 158 10.25 -18.44 -26.77
CA ILE A 158 11.35 -18.39 -25.83
C ILE A 158 12.46 -17.54 -26.45
N PHE A 159 13.01 -16.65 -25.63
CA PHE A 159 14.06 -15.74 -26.06
C PHE A 159 15.34 -16.01 -25.30
N GLU A 160 16.45 -15.63 -25.92
CA GLU A 160 17.76 -15.78 -25.30
C GLU A 160 18.29 -14.40 -24.97
N VAL A 161 18.94 -14.27 -23.81
CA VAL A 161 19.51 -12.99 -23.42
C VAL A 161 20.92 -12.93 -24.02
N LYS A 162 21.29 -11.75 -24.52
CA LYS A 162 22.61 -11.57 -25.10
C LYS A 162 23.15 -10.18 -24.76
N GLU B 2 -20.89 -8.03 19.19
CA GLU B 2 -21.28 -8.07 20.59
C GLU B 2 -20.13 -8.26 21.57
N THR B 4 -18.07 -9.65 24.42
CA THR B 4 -17.96 -10.98 25.01
C THR B 4 -17.48 -10.90 26.46
N ASP B 6 -14.94 -12.49 27.74
CA ASP B 6 -13.48 -12.34 27.74
C ASP B 6 -13.09 -10.89 27.51
N TRP B 7 -13.78 -10.22 26.59
CA TRP B 7 -13.49 -8.82 26.30
C TRP B 7 -13.82 -7.91 27.49
N LYS B 8 -14.93 -8.18 28.15
CA LYS B 8 -15.32 -7.38 29.30
C LYS B 8 -14.23 -7.43 30.36
N GLU B 9 -13.73 -8.64 30.63
CA GLU B 9 -12.69 -8.80 31.63
C GLU B 9 -11.39 -8.12 31.19
N ALA B 10 -11.01 -8.30 29.93
CA ALA B 10 -9.79 -7.69 29.41
C ALA B 10 -9.83 -6.16 29.49
N LEU B 11 -10.91 -5.57 29.01
CA LEU B 11 -11.05 -4.12 29.02
C LEU B 11 -11.02 -3.53 30.42
N ASN B 12 -11.72 -4.17 31.36
CA ASN B 12 -11.73 -3.70 32.74
C ASN B 12 -10.35 -3.85 33.38
N TRP B 13 -9.65 -4.95 33.06
CA TRP B 13 -8.32 -5.18 33.63
C TRP B 13 -7.37 -4.08 33.16
N LYS B 15 -8.16 -1.08 32.15
CA LYS B 15 -8.52 0.19 32.75
C LYS B 15 -7.92 0.33 34.15
N GLU B 16 -7.97 -0.75 34.93
CA GLU B 16 -7.44 -0.73 36.30
C GLU B 16 -5.94 -0.95 36.43
N ASN B 17 -5.30 -1.48 35.38
CA ASN B 17 -3.87 -1.79 35.47
C ASN B 17 -2.87 -1.03 34.62
N LEU B 18 -3.26 -0.65 33.41
CA LEU B 18 -2.32 0.06 32.56
C LEU B 18 -2.09 1.48 33.06
N GLU B 19 -0.90 2.01 32.80
CA GLU B 19 -0.55 3.36 33.21
C GLU B 19 -1.52 4.39 32.64
N ALA B 20 -1.90 5.34 33.48
CA ALA B 20 -2.80 6.39 33.03
C ALA B 20 -2.10 7.13 31.90
N GLN B 21 -2.87 7.55 30.90
CA GLN B 21 -2.32 8.28 29.76
C GLN B 21 -1.83 9.61 30.32
N ASP B 22 -0.62 10.01 29.96
CA ASP B 22 -0.08 11.26 30.47
C ASP B 22 0.33 12.26 29.38
N TYR B 23 -0.65 13.01 28.89
CA TYR B 23 -0.40 14.02 27.86
C TYR B 23 -1.58 15.00 27.85
N LEU B 24 -1.40 16.14 27.19
CA LEU B 24 -2.47 17.13 27.09
C LEU B 24 -3.43 16.69 25.99
N LYS B 25 -4.55 16.13 26.40
CA LYS B 25 -5.55 15.60 25.47
C LYS B 25 -6.06 16.53 24.39
N ALA B 26 -5.97 17.84 24.61
CA ALA B 26 -6.47 18.78 23.62
C ALA B 26 -5.38 19.37 22.72
N TYR B 27 -4.12 19.10 23.04
CA TYR B 27 -3.03 19.69 22.26
C TYR B 27 -1.97 18.76 21.71
N GLU B 28 -1.63 17.72 22.48
CA GLU B 28 -0.57 16.79 22.08
C GLU B 28 -1.03 15.44 21.59
N LYS B 29 -0.10 14.71 21.00
CA LYS B 29 -0.38 13.36 20.54
C LYS B 29 -0.30 12.50 21.80
N PRO B 30 -0.94 11.33 21.77
CA PRO B 30 -0.90 10.45 22.93
C PRO B 30 0.47 10.07 23.46
N ASP B 31 0.44 9.77 24.75
CA ASP B 31 1.55 9.31 25.58
C ASP B 31 2.11 8.02 24.95
N TYR B 32 1.20 7.08 24.70
CA TYR B 32 1.56 5.81 24.10
C TYR B 32 0.23 5.29 23.58
N ALA B 33 0.25 4.20 22.82
CA ALA B 33 -0.98 3.66 22.29
C ALA B 33 -1.02 2.15 22.42
N VAL B 34 -2.23 1.60 22.30
CA VAL B 34 -2.43 0.17 22.34
C VAL B 34 -2.72 -0.24 20.90
N LEU B 35 -1.99 -1.23 20.40
CA LEU B 35 -2.19 -1.68 19.04
C LEU B 35 -3.05 -2.94 19.00
N SER B 36 -4.09 -2.91 18.18
CA SER B 36 -4.97 -4.06 17.99
C SER B 36 -5.61 -3.86 16.63
N TRP B 37 -6.59 -4.68 16.29
CA TRP B 37 -7.26 -4.54 15.00
C TRP B 37 -8.27 -3.39 15.18
N TRP B 38 -8.58 -2.68 14.10
CA TRP B 38 -9.48 -1.52 14.19
C TRP B 38 -10.88 -1.79 14.74
N ASP B 39 -11.39 -3.00 14.55
CA ASP B 39 -12.72 -3.36 15.06
C ASP B 39 -12.89 -3.09 16.55
N TYR B 40 -11.80 -3.27 17.30
CA TYR B 40 -11.85 -3.11 18.76
C TYR B 40 -11.40 -1.75 19.26
N GLY B 41 -11.05 -0.85 18.35
CA GLY B 41 -10.59 0.48 18.75
C GLY B 41 -11.51 1.24 19.70
N ASN B 42 -12.81 1.26 19.41
CA ASN B 42 -13.73 1.99 20.27
C ASN B 42 -13.87 1.41 21.67
N TRP B 43 -13.81 0.09 21.79
CA TRP B 43 -13.92 -0.52 23.11
C TRP B 43 -12.71 -0.10 23.96
N ILE B 44 -11.52 -0.22 23.37
CA ILE B 44 -10.30 0.13 24.06
C ILE B 44 -10.28 1.61 24.44
N LEU B 45 -10.72 2.47 23.52
CA LEU B 45 -10.78 3.90 23.77
C LEU B 45 -11.78 4.28 24.88
N TYR B 46 -13.01 3.83 24.74
CA TYR B 46 -14.07 4.19 25.69
C TYR B 46 -14.27 3.32 26.93
N VAL B 47 -13.86 2.06 26.89
CA VAL B 47 -14.01 1.21 28.06
C VAL B 47 -12.70 1.12 28.82
N ALA B 48 -11.62 0.80 28.12
CA ALA B 48 -10.31 0.69 28.75
C ALA B 48 -9.70 2.08 28.96
N LYS B 49 -10.21 3.06 28.23
CA LYS B 49 -9.75 4.43 28.32
C LYS B 49 -8.30 4.60 27.89
N LYS B 50 -7.91 3.95 26.79
CA LYS B 50 -6.56 4.04 26.29
C LYS B 50 -6.53 4.41 24.80
N ALA B 51 -5.53 5.21 24.41
CA ALA B 51 -5.39 5.62 23.02
C ALA B 51 -5.07 4.38 22.18
N VAL B 52 -5.49 4.39 20.92
CA VAL B 52 -5.26 3.24 20.04
C VAL B 52 -4.57 3.62 18.75
N VAL B 53 -4.05 2.60 18.07
CA VAL B 53 -3.40 2.79 16.79
C VAL B 53 -4.47 3.01 15.73
N CYS B 54 -5.62 2.36 15.90
CA CYS B 54 -6.71 2.48 14.94
C CYS B 54 -8.07 2.14 15.53
N ASN B 55 -9.11 2.78 15.00
CA ASN B 55 -10.47 2.52 15.46
C ASN B 55 -11.42 2.48 14.26
N ASN B 56 -10.86 2.61 13.06
CA ASN B 56 -11.63 2.56 11.82
C ASN B 56 -10.70 2.02 10.74
N PHE B 57 -11.27 1.47 9.67
CA PHE B 57 -10.47 0.85 8.61
C PHE B 57 -9.57 1.69 7.69
N GLN B 58 -9.72 3.01 7.67
CA GLN B 58 -8.87 3.80 6.80
C GLN B 58 -7.88 4.75 7.49
N ALA B 59 -7.68 4.56 8.79
CA ALA B 59 -6.73 5.39 9.53
C ALA B 59 -6.04 4.53 10.59
N GLY B 60 -4.77 4.23 10.37
CA GLY B 60 -4.01 3.43 11.32
C GLY B 60 -4.15 1.93 11.16
N ALA B 61 -5.21 1.47 10.49
CA ALA B 61 -5.43 0.04 10.30
C ALA B 61 -4.30 -0.59 9.49
N ASP B 62 -3.72 0.21 8.59
CA ASP B 62 -2.62 -0.27 7.77
C ASP B 62 -1.41 -0.53 8.67
N ASP B 63 -1.21 0.32 9.67
CA ASP B 63 -0.10 0.17 10.61
C ASP B 63 -0.32 -1.12 11.43
N ALA B 64 -1.55 -1.31 11.88
CA ALA B 64 -1.91 -2.49 12.67
C ALA B 64 -1.75 -3.76 11.83
N ALA B 65 -2.19 -3.67 10.57
CA ALA B 65 -2.11 -4.80 9.64
C ALA B 65 -0.68 -5.18 9.29
N LYS B 66 0.17 -4.16 9.10
CA LYS B 66 1.56 -4.42 8.76
C LYS B 66 2.33 -4.97 9.95
N PHE B 67 1.93 -4.57 11.16
CA PHE B 67 2.57 -5.09 12.36
C PHE B 67 2.20 -6.57 12.52
N PHE B 68 0.91 -6.87 12.42
CA PHE B 68 0.44 -8.24 12.56
C PHE B 68 0.94 -9.21 11.50
N THR B 69 1.16 -8.71 10.28
CA THR B 69 1.64 -9.57 9.20
C THR B 69 3.16 -9.61 9.08
N ALA B 70 3.86 -8.80 9.85
CA ALA B 70 5.32 -8.76 9.82
C ALA B 70 5.88 -10.14 10.16
N GLN B 71 6.94 -10.53 9.45
CA GLN B 71 7.55 -11.83 9.70
C GLN B 71 8.81 -11.76 10.56
N SER B 72 9.22 -10.55 10.92
CA SER B 72 10.39 -10.38 11.77
C SER B 72 10.10 -9.31 12.81
N GLU B 73 10.61 -9.51 14.01
CA GLU B 73 10.41 -8.54 15.08
C GLU B 73 10.99 -7.18 14.71
N GLU B 74 12.02 -7.20 13.87
CA GLU B 74 12.66 -5.96 13.44
C GLU B 74 11.69 -5.09 12.66
N GLU B 75 10.98 -5.70 11.71
CA GLU B 75 10.01 -4.97 10.91
C GLU B 75 8.85 -4.52 11.78
N ALA B 76 8.40 -5.40 12.67
CA ALA B 76 7.31 -5.07 13.57
C ALA B 76 7.66 -3.88 14.46
N LYS B 78 9.37 -1.33 13.88
CA LYS B 78 9.35 -0.04 13.21
C LYS B 78 7.98 0.61 13.43
N ILE B 79 6.94 -0.20 13.38
CA ILE B 79 5.58 0.28 13.58
C ILE B 79 5.41 0.68 15.05
N VAL B 80 5.95 -0.15 15.94
CA VAL B 80 5.89 0.11 17.37
C VAL B 80 6.50 1.47 17.69
N GLU B 81 7.69 1.72 17.15
CA GLU B 81 8.37 3.00 17.37
C GLU B 81 7.57 4.14 16.77
N LYS B 82 7.08 3.93 15.55
CA LYS B 82 6.29 4.94 14.84
C LYS B 82 5.04 5.40 15.59
N ARG B 83 4.31 4.46 16.17
CA ARG B 83 3.08 4.80 16.89
C ARG B 83 3.19 4.78 18.41
N LYS B 84 4.40 4.69 18.93
CA LYS B 84 4.61 4.68 20.38
C LYS B 84 3.73 3.62 21.05
N VAL B 85 3.78 2.40 20.50
CA VAL B 85 2.99 1.29 21.01
C VAL B 85 3.62 0.72 22.28
N ARG B 86 2.84 0.59 23.34
CA ARG B 86 3.37 0.03 24.58
C ARG B 86 2.73 -1.32 24.91
N TYR B 87 1.57 -1.58 24.31
CA TYR B 87 0.85 -2.84 24.52
C TYR B 87 0.18 -3.27 23.23
N VAL B 88 0.04 -4.59 23.06
CA VAL B 88 -0.60 -5.13 21.88
C VAL B 88 -1.69 -6.09 22.34
N VAL B 89 -2.87 -5.96 21.74
CA VAL B 89 -3.98 -6.84 22.11
C VAL B 89 -4.34 -7.72 20.93
N THR B 90 -4.32 -9.04 21.14
CA THR B 90 -4.68 -9.96 20.08
C THR B 90 -5.97 -10.68 20.47
N VAL B 91 -6.67 -11.17 19.45
CA VAL B 91 -7.95 -11.84 19.65
C VAL B 91 -7.99 -13.10 18.80
N GLU B 92 -8.60 -14.15 19.33
CA GLU B 92 -8.66 -15.42 18.61
C GLU B 92 -9.25 -15.34 17.20
N GLU B 93 -10.28 -14.52 17.01
CA GLU B 93 -10.92 -14.39 15.71
C GLU B 93 -10.02 -13.80 14.62
N LEU B 94 -8.88 -13.23 15.02
CA LEU B 94 -7.95 -12.66 14.05
C LEU B 94 -7.03 -13.73 13.49
N THR B 95 -6.91 -14.86 14.18
CA THR B 95 -6.03 -15.93 13.74
C THR B 95 -6.69 -16.88 12.74
N VAL B 96 -5.87 -17.69 12.10
CA VAL B 96 -6.36 -18.67 11.15
C VAL B 96 -6.61 -19.94 11.96
N LYS B 97 -7.81 -20.50 11.84
CA LYS B 97 -8.17 -21.72 12.57
C LYS B 97 -8.21 -22.89 11.59
N PRO B 98 -7.66 -24.04 11.97
CA PRO B 98 -7.64 -25.23 11.12
C PRO B 98 -9.00 -25.78 10.69
N GLU B 99 -10.03 -25.53 11.50
CA GLU B 99 -11.38 -26.03 11.22
C GLU B 99 -12.23 -25.20 10.26
N THR B 100 -11.72 -24.06 9.79
CA THR B 100 -12.50 -23.22 8.89
C THR B 100 -11.63 -22.29 8.07
N ASN B 101 -12.22 -21.73 7.01
CA ASN B 101 -11.48 -20.79 6.16
C ASN B 101 -11.77 -19.36 6.60
N LYS B 102 -12.78 -19.21 7.45
CA LYS B 102 -13.17 -17.89 7.96
C LYS B 102 -12.16 -17.36 8.97
N THR B 103 -11.81 -16.08 8.82
CA THR B 103 -10.86 -15.43 9.72
C THR B 103 -10.69 -13.97 9.33
N LYS B 104 -10.49 -13.13 10.34
CA LYS B 104 -10.26 -11.71 10.08
C LYS B 104 -8.84 -11.49 9.59
N PHE B 105 -8.08 -12.58 9.48
CA PHE B 105 -6.71 -12.49 9.00
C PHE B 105 -6.71 -12.13 7.51
N ILE B 106 -7.79 -12.44 6.81
CA ILE B 106 -7.89 -12.14 5.38
C ILE B 106 -7.96 -10.63 5.16
N PRO B 107 -8.90 -9.93 5.81
CA PRO B 107 -8.93 -8.48 5.59
C PRO B 107 -7.65 -7.82 6.10
N ILE B 108 -7.05 -8.41 7.13
CA ILE B 108 -5.79 -7.90 7.68
C ILE B 108 -4.73 -8.01 6.59
N GLN B 110 -5.21 -8.13 3.35
CA GLN B 110 -5.56 -7.21 2.27
C GLN B 110 -5.14 -5.78 2.56
N ILE B 111 -5.46 -5.29 3.75
CA ILE B 111 -5.10 -3.93 4.14
C ILE B 111 -3.57 -3.78 4.18
N ALA B 112 -2.88 -4.87 4.50
CA ALA B 112 -1.42 -4.84 4.58
C ALA B 112 -0.77 -4.81 3.19
N GLY B 113 -1.57 -5.05 2.15
CA GLY B 113 -1.05 -5.01 0.80
C GLY B 113 -0.87 -6.36 0.13
N TYR B 114 -1.30 -7.43 0.80
CA TYR B 114 -1.18 -8.77 0.24
C TYR B 114 -2.40 -9.11 -0.61
N SER B 115 -2.23 -10.10 -1.48
CA SER B 115 -3.31 -10.53 -2.37
C SER B 115 -3.65 -11.99 -2.13
N PRO B 116 -4.50 -12.26 -1.14
CA PRO B 116 -4.92 -13.63 -0.82
C PRO B 116 -5.52 -14.38 -2.00
N GLU B 117 -6.10 -13.65 -2.94
CA GLU B 117 -6.75 -14.28 -4.10
C GLU B 117 -5.81 -15.04 -5.02
N TYR B 118 -4.52 -14.76 -4.95
CA TYR B 118 -3.54 -15.46 -5.79
C TYR B 118 -2.81 -16.52 -5.00
N LYS B 120 -3.04 -20.22 -2.65
CA LYS B 120 -3.78 -21.42 -2.28
C LYS B 120 -4.06 -21.35 -0.79
N ASN B 121 -5.06 -22.09 -0.34
CA ASN B 121 -5.43 -22.08 1.07
C ASN B 121 -4.22 -22.36 1.97
N LYS B 122 -3.43 -23.38 1.66
CA LYS B 122 -2.29 -23.69 2.49
C LYS B 122 -1.21 -22.59 2.45
N GLU B 123 -1.11 -21.87 1.35
CA GLU B 123 -0.12 -20.80 1.27
C GLU B 123 -0.50 -19.70 2.25
N ILE B 124 -1.80 -19.53 2.46
CA ILE B 124 -2.31 -18.54 3.40
C ILE B 124 -1.97 -18.98 4.82
N ILE B 125 -2.18 -20.27 5.10
CA ILE B 125 -1.89 -20.80 6.42
C ILE B 125 -0.38 -20.72 6.70
N ASP B 126 0.43 -21.14 5.72
CA ASP B 126 1.88 -21.09 5.89
C ASP B 126 2.36 -19.67 6.15
N PHE B 127 1.74 -18.70 5.48
CA PHE B 127 2.10 -17.30 5.68
C PHE B 127 1.77 -16.88 7.11
N PHE B 128 0.56 -17.21 7.55
CA PHE B 128 0.11 -16.88 8.90
C PHE B 128 1.07 -17.40 9.96
N ASN B 129 1.55 -18.62 9.78
CA ASN B 129 2.44 -19.24 10.75
C ASN B 129 3.81 -18.59 10.89
N LYS B 130 4.12 -17.62 10.05
CA LYS B 130 5.40 -16.92 10.12
C LYS B 130 5.21 -15.48 10.62
N THR B 131 3.96 -15.10 10.90
CA THR B 131 3.66 -13.74 11.32
C THR B 131 3.71 -13.44 12.81
N LEU B 133 1.37 -12.03 14.45
CA LEU B 133 0.09 -12.43 15.02
C LEU B 133 0.17 -13.87 15.52
N TYR B 134 0.78 -14.73 14.73
CA TYR B 134 0.94 -16.14 15.11
C TYR B 134 1.87 -16.25 16.32
N LYS B 135 3.06 -15.65 16.22
CA LYS B 135 4.04 -15.71 17.31
C LYS B 135 3.51 -15.12 18.62
N LEU B 136 2.57 -14.19 18.52
CA LEU B 136 1.99 -13.58 19.71
C LEU B 136 0.84 -14.40 20.28
N HIS B 137 -0.28 -14.42 19.57
CA HIS B 137 -1.47 -15.13 20.04
C HIS B 137 -1.34 -16.64 20.16
N VAL B 138 -0.77 -17.29 19.14
CA VAL B 138 -0.65 -18.74 19.18
C VAL B 138 0.49 -19.25 20.05
N GLU B 139 1.67 -18.64 19.95
CA GLU B 139 2.82 -19.08 20.73
C GLU B 139 2.99 -18.30 22.02
N ASN B 140 2.03 -17.44 22.33
CA ASN B 140 2.08 -16.63 23.53
C ASN B 140 3.42 -15.90 23.65
N ALA B 141 3.95 -15.48 22.51
CA ALA B 141 5.20 -14.75 22.45
C ALA B 141 6.40 -15.45 23.06
N THR B 142 6.31 -16.76 23.28
CA THR B 142 7.45 -17.47 23.86
C THR B 142 8.72 -17.35 23.03
N ASN B 143 8.55 -17.15 21.72
CA ASN B 143 9.68 -17.03 20.80
C ASN B 143 9.95 -15.62 20.30
N LEU B 144 9.61 -14.62 21.12
CA LEU B 144 9.83 -13.22 20.74
C LEU B 144 10.71 -12.55 21.80
N THR B 145 11.55 -11.60 21.39
CA THR B 145 12.43 -10.93 22.35
C THR B 145 11.96 -9.55 22.78
N HIS B 146 11.11 -8.91 21.97
CA HIS B 146 10.61 -7.58 22.30
C HIS B 146 9.17 -7.57 22.79
N PHE B 147 8.53 -8.74 22.84
CA PHE B 147 7.15 -8.83 23.28
C PHE B 147 7.00 -9.92 24.32
N ARG B 148 6.10 -9.69 25.27
CA ARG B 148 5.87 -10.65 26.35
C ARG B 148 4.39 -10.67 26.69
N LEU B 149 3.84 -11.87 26.89
CA LEU B 149 2.44 -12.00 27.25
C LEU B 149 2.28 -11.47 28.67
N LEU B 150 1.38 -10.50 28.83
CA LEU B 150 1.11 -9.86 30.10
C LEU B 150 -0.10 -10.46 30.82
N LYS B 151 -1.21 -10.61 30.10
CA LYS B 151 -2.41 -11.18 30.71
C LYS B 151 -3.21 -11.96 29.64
N ASN B 152 -3.67 -13.15 30.01
CA ASN B 152 -4.40 -14.03 29.10
C ASN B 152 -5.87 -14.17 29.48
N PHE B 153 -6.74 -13.55 28.70
CA PHE B 153 -8.18 -13.62 28.97
C PHE B 153 -8.89 -14.62 28.07
N GLY B 154 -8.21 -15.72 27.73
CA GLY B 154 -8.84 -16.73 26.89
C GLY B 154 -8.78 -16.41 25.40
N THR B 155 -9.81 -15.75 24.89
CA THR B 155 -9.84 -15.40 23.47
C THR B 155 -9.11 -14.07 23.24
N VAL B 156 -8.96 -13.31 24.32
CA VAL B 156 -8.29 -12.00 24.25
C VAL B 156 -6.99 -12.05 25.04
N LYS B 157 -5.92 -11.57 24.43
CA LYS B 157 -4.62 -11.56 25.08
C LYS B 157 -3.95 -10.20 24.96
N ILE B 158 -3.28 -9.78 26.02
CA ILE B 158 -2.57 -8.50 25.99
C ILE B 158 -1.08 -8.72 26.23
N PHE B 159 -0.27 -8.11 25.39
CA PHE B 159 1.19 -8.22 25.45
C PHE B 159 1.82 -6.87 25.72
N GLU B 160 3.00 -6.89 26.32
CA GLU B 160 3.72 -5.65 26.59
C GLU B 160 4.97 -5.64 25.72
N VAL B 161 5.34 -4.45 25.27
CA VAL B 161 6.53 -4.27 24.47
C VAL B 161 7.68 -4.13 25.46
N LYS B 162 8.71 -4.96 25.33
CA LYS B 162 9.84 -4.88 26.24
C LYS B 162 11.14 -4.61 25.48
N GLU C 2 -17.17 9.27 -6.11
CA GLU C 2 -17.53 9.79 -7.43
C GLU C 2 -16.85 11.09 -7.79
N THR C 4 -16.77 14.78 -9.01
CA THR C 4 -17.64 15.94 -8.97
C THR C 4 -17.29 16.91 -10.08
N ASP C 6 -16.64 20.09 -9.80
CA ASP C 6 -15.51 20.91 -9.37
C ASP C 6 -14.20 20.17 -9.58
N TRP C 7 -14.17 18.89 -9.21
CA TRP C 7 -12.96 18.10 -9.39
C TRP C 7 -12.61 17.97 -10.87
N LYS C 8 -13.63 17.80 -11.70
CA LYS C 8 -13.42 17.67 -13.14
C LYS C 8 -12.73 18.92 -13.67
N GLU C 9 -13.25 20.09 -13.28
CA GLU C 9 -12.67 21.35 -13.71
C GLU C 9 -11.25 21.51 -13.17
N ALA C 10 -11.05 21.16 -11.91
CA ALA C 10 -9.73 21.28 -11.29
C ALA C 10 -8.69 20.37 -11.95
N LEU C 11 -9.05 19.12 -12.17
CA LEU C 11 -8.12 18.16 -12.79
C LEU C 11 -7.75 18.58 -14.20
N ASN C 12 -8.73 19.05 -14.97
CA ASN C 12 -8.46 19.50 -16.34
C ASN C 12 -7.58 20.74 -16.30
N TRP C 13 -7.88 21.66 -15.38
CA TRP C 13 -7.10 22.88 -15.25
C TRP C 13 -5.65 22.58 -14.93
N LYS C 15 -4.09 19.82 -15.42
CA LYS C 15 -3.50 19.02 -16.49
C LYS C 15 -2.88 19.93 -17.55
N GLU C 16 -3.56 21.03 -17.89
CA GLU C 16 -3.01 21.92 -18.90
C GLU C 16 -2.21 23.12 -18.40
N ASN C 17 -2.32 23.45 -17.12
CA ASN C 17 -1.59 24.60 -16.58
C ASN C 17 -0.34 24.27 -15.77
N LEU C 18 -0.33 23.13 -15.07
CA LEU C 18 0.84 22.79 -14.29
C LEU C 18 1.95 22.29 -15.22
N GLU C 19 3.20 22.51 -14.82
CA GLU C 19 4.34 22.09 -15.62
C GLU C 19 4.25 20.62 -15.99
N ALA C 20 4.44 20.33 -17.27
CA ALA C 20 4.36 18.96 -17.79
C ALA C 20 5.26 17.98 -17.04
N GLN C 21 4.71 16.78 -16.79
CA GLN C 21 5.42 15.72 -16.08
C GLN C 21 5.84 16.15 -14.68
N PRO C 30 10.60 12.42 -10.28
CA PRO C 30 9.82 13.57 -10.75
C PRO C 30 10.35 14.92 -10.29
N ASP C 31 10.15 15.93 -11.11
CA ASP C 31 10.61 17.29 -10.83
C ASP C 31 9.96 17.84 -9.56
N TYR C 32 8.70 17.51 -9.34
CA TYR C 32 7.96 17.98 -8.17
C TYR C 32 6.74 17.11 -7.91
N ALA C 33 6.04 17.38 -6.82
CA ALA C 33 4.86 16.62 -6.48
C ALA C 33 3.73 17.54 -6.03
N VAL C 34 2.50 17.05 -6.15
CA VAL C 34 1.32 17.80 -5.72
C VAL C 34 0.88 17.14 -4.41
N LEU C 35 0.76 17.93 -3.35
CA LEU C 35 0.34 17.37 -2.06
C LEU C 35 -1.16 17.55 -1.86
N SER C 36 -1.83 16.46 -1.50
CA SER C 36 -3.26 16.47 -1.23
C SER C 36 -3.54 15.26 -0.36
N TRP C 37 -4.80 15.03 -0.02
CA TRP C 37 -5.14 13.87 0.80
C TRP C 37 -5.05 12.65 -0.11
N TRP C 38 -4.69 11.50 0.45
CA TRP C 38 -4.52 10.29 -0.35
C TRP C 38 -5.72 9.88 -1.22
N ASP C 39 -6.93 10.18 -0.76
CA ASP C 39 -8.14 9.82 -1.51
C ASP C 39 -8.11 10.28 -2.97
N TYR C 40 -7.49 11.43 -3.20
CA TYR C 40 -7.44 12.02 -4.53
C TYR C 40 -6.18 11.74 -5.34
N GLY C 41 -5.24 11.02 -4.76
CA GLY C 41 -4.00 10.73 -5.44
C GLY C 41 -4.11 10.14 -6.83
N ASN C 42 -4.98 9.15 -7.01
CA ASN C 42 -5.14 8.52 -8.32
C ASN C 42 -5.70 9.46 -9.37
N TRP C 43 -6.66 10.31 -9.00
CA TRP C 43 -7.21 11.26 -9.96
C TRP C 43 -6.13 12.23 -10.43
N ILE C 44 -5.35 12.74 -9.49
CA ILE C 44 -4.30 13.69 -9.83
C ILE C 44 -3.23 13.03 -10.70
N LEU C 45 -2.88 11.80 -10.34
CA LEU C 45 -1.86 11.04 -11.06
C LEU C 45 -2.31 10.62 -12.46
N TYR C 46 -3.49 10.02 -12.55
CA TYR C 46 -3.99 9.52 -13.82
C TYR C 46 -4.83 10.47 -14.68
N VAL C 47 -5.50 11.43 -14.06
CA VAL C 47 -6.31 12.36 -14.83
C VAL C 47 -5.54 13.67 -15.08
N ALA C 48 -4.98 14.24 -14.03
CA ALA C 48 -4.21 15.49 -14.18
C ALA C 48 -2.81 15.18 -14.70
N LYS C 49 -2.40 13.92 -14.59
CA LYS C 49 -1.08 13.48 -15.05
C LYS C 49 0.05 14.13 -14.25
N LYS C 50 -0.12 14.23 -12.94
CA LYS C 50 0.89 14.85 -12.09
C LYS C 50 1.28 13.97 -10.90
N ALA C 51 2.56 14.01 -10.53
CA ALA C 51 3.05 13.21 -9.41
C ALA C 51 2.42 13.67 -8.10
N VAL C 52 2.14 12.73 -7.20
CA VAL C 52 1.53 13.07 -5.91
C VAL C 52 2.33 12.58 -4.72
N VAL C 53 2.02 13.16 -3.56
CA VAL C 53 2.68 12.79 -2.32
C VAL C 53 2.10 11.48 -1.81
N CYS C 54 0.82 11.27 -2.07
CA CYS C 54 0.13 10.05 -1.62
C CYS C 54 -1.07 9.75 -2.50
N ASN C 55 -1.31 8.47 -2.78
CA ASN C 55 -2.48 8.08 -3.58
C ASN C 55 -3.33 6.99 -2.88
N ASN C 56 -2.96 6.68 -1.63
CA ASN C 56 -3.65 5.72 -0.76
C ASN C 56 -3.22 5.99 0.66
N PHE C 57 -3.99 5.51 1.63
CA PHE C 57 -3.69 5.79 3.02
C PHE C 57 -2.47 5.15 3.65
N GLN C 58 -1.63 4.47 2.86
CA GLN C 58 -0.41 3.87 3.42
C GLN C 58 0.79 4.75 3.08
N ALA C 59 1.35 4.54 1.90
CA ALA C 59 2.51 5.30 1.46
C ALA C 59 2.25 6.80 1.27
N GLY C 60 2.98 7.61 2.03
CA GLY C 60 2.88 9.06 1.92
C GLY C 60 1.76 9.77 2.68
N ALA C 61 0.70 9.05 3.04
CA ALA C 61 -0.41 9.65 3.75
C ALA C 61 0.03 10.36 5.04
N ASP C 62 1.00 9.78 5.74
CA ASP C 62 1.47 10.38 6.98
C ASP C 62 2.09 11.76 6.74
N ASP C 63 2.83 11.91 5.64
CA ASP C 63 3.44 13.19 5.30
C ASP C 63 2.36 14.22 5.02
N ALA C 64 1.32 13.81 4.31
CA ALA C 64 0.23 14.71 3.99
C ALA C 64 -0.55 15.05 5.26
N ALA C 65 -0.70 14.08 6.15
CA ALA C 65 -1.43 14.29 7.39
C ALA C 65 -0.67 15.23 8.32
N LYS C 66 0.65 15.08 8.39
CA LYS C 66 1.45 15.95 9.25
C LYS C 66 1.50 17.37 8.69
N PHE C 67 1.42 17.49 7.37
CA PHE C 67 1.41 18.81 6.74
C PHE C 67 0.10 19.53 7.07
N PHE C 68 -1.03 18.89 6.78
CA PHE C 68 -2.33 19.51 7.02
C PHE C 68 -2.61 19.86 8.48
N THR C 69 -2.07 19.07 9.41
CA THR C 69 -2.28 19.33 10.84
C THR C 69 -1.23 20.23 11.48
N ALA C 70 -0.19 20.59 10.73
CA ALA C 70 0.86 21.46 11.27
C ALA C 70 0.27 22.81 11.67
N GLN C 71 0.72 23.35 12.80
CA GLN C 71 0.19 24.63 13.26
C GLN C 71 1.09 25.81 12.93
N SER C 72 2.23 25.54 12.29
CA SER C 72 3.14 26.59 11.89
C SER C 72 3.69 26.25 10.52
N GLU C 73 3.87 27.26 9.69
CA GLU C 73 4.39 27.07 8.35
C GLU C 73 5.78 26.45 8.37
N GLU C 74 6.55 26.77 9.40
CA GLU C 74 7.89 26.22 9.51
C GLU C 74 7.88 24.71 9.52
N GLU C 75 6.97 24.12 10.30
CA GLU C 75 6.89 22.67 10.37
C GLU C 75 6.35 22.14 9.04
N ALA C 76 5.42 22.87 8.45
CA ALA C 76 4.83 22.46 7.19
C ALA C 76 5.87 22.46 6.07
N LYS C 78 8.84 21.71 6.21
CA LYS C 78 9.72 20.55 6.34
C LYS C 78 9.22 19.43 5.41
N ILE C 79 7.92 19.26 5.39
CA ILE C 79 7.29 18.25 4.54
C ILE C 79 7.42 18.68 3.08
N VAL C 80 7.21 19.97 2.82
CA VAL C 80 7.32 20.50 1.47
C VAL C 80 8.69 20.19 0.85
N GLU C 81 9.76 20.44 1.61
CA GLU C 81 11.11 20.18 1.11
C GLU C 81 11.38 18.68 0.92
N LYS C 82 11.01 17.89 1.91
CA LYS C 82 11.21 16.44 1.87
C LYS C 82 10.58 15.76 0.67
N ARG C 83 9.37 16.18 0.30
CA ARG C 83 8.67 15.58 -0.83
C ARG C 83 8.63 16.44 -2.08
N LYS C 84 9.45 17.49 -2.11
CA LYS C 84 9.52 18.40 -3.26
C LYS C 84 8.14 18.86 -3.72
N VAL C 85 7.35 19.36 -2.78
CA VAL C 85 5.99 19.82 -3.08
C VAL C 85 5.98 21.21 -3.72
N ARG C 86 5.32 21.32 -4.88
CA ARG C 86 5.24 22.61 -5.57
C ARG C 86 3.80 23.15 -5.48
N TYR C 87 2.84 22.25 -5.36
CA TYR C 87 1.44 22.64 -5.28
C TYR C 87 0.68 21.84 -4.22
N VAL C 88 -0.35 22.46 -3.67
CA VAL C 88 -1.17 21.82 -2.66
C VAL C 88 -2.63 21.95 -3.07
N VAL C 89 -3.38 20.86 -2.97
CA VAL C 89 -4.79 20.88 -3.32
C VAL C 89 -5.59 20.53 -2.08
N THR C 90 -6.56 21.39 -1.74
CA THR C 90 -7.40 21.13 -0.58
C THR C 90 -8.83 20.95 -1.07
N VAL C 91 -9.64 20.28 -0.26
CA VAL C 91 -11.03 20.02 -0.62
C VAL C 91 -11.90 20.32 0.59
N GLU C 92 -13.07 20.89 0.36
CA GLU C 92 -13.98 21.25 1.44
C GLU C 92 -14.32 20.09 2.37
N GLU C 93 -14.43 18.88 1.84
CA GLU C 93 -14.77 17.73 2.68
C GLU C 93 -13.70 17.39 3.72
N LEU C 94 -12.52 17.98 3.58
CA LEU C 94 -11.42 17.75 4.51
C LEU C 94 -11.52 18.67 5.72
N THR C 95 -12.29 19.74 5.58
CA THR C 95 -12.43 20.72 6.65
C THR C 95 -13.53 20.40 7.66
N VAL C 96 -13.45 21.03 8.82
CA VAL C 96 -14.45 20.84 9.86
C VAL C 96 -15.58 21.84 9.59
N LYS C 97 -16.81 21.36 9.57
CA LYS C 97 -17.97 22.21 9.31
C LYS C 97 -18.79 22.39 10.59
N PRO C 98 -19.22 23.62 10.88
CA PRO C 98 -20.01 23.93 12.08
C PRO C 98 -21.33 23.18 12.22
N GLU C 99 -21.92 22.76 11.10
CA GLU C 99 -23.21 22.09 11.12
C GLU C 99 -23.19 20.57 11.27
N THR C 100 -22.01 19.97 11.39
CA THR C 100 -21.91 18.52 11.55
C THR C 100 -20.59 18.09 12.15
N ASN C 101 -20.56 16.88 12.70
CA ASN C 101 -19.34 16.35 13.27
C ASN C 101 -18.60 15.55 12.21
N LYS C 102 -19.27 15.30 11.10
CA LYS C 102 -18.67 14.54 9.99
C LYS C 102 -17.58 15.35 9.28
N THR C 103 -16.43 14.72 9.06
CA THR C 103 -15.32 15.37 8.37
C THR C 103 -14.14 14.41 8.19
N LYS C 104 -13.42 14.58 7.08
CA LYS C 104 -12.27 13.73 6.84
C LYS C 104 -11.10 14.23 7.68
N PHE C 105 -11.31 15.33 8.41
CA PHE C 105 -10.26 15.87 9.26
C PHE C 105 -9.97 14.89 10.40
N ILE C 106 -10.97 14.06 10.75
CA ILE C 106 -10.80 13.08 11.81
C ILE C 106 -9.74 12.05 11.44
N PRO C 107 -9.87 11.39 10.28
CA PRO C 107 -8.84 10.41 9.91
C PRO C 107 -7.51 11.10 9.64
N ILE C 108 -7.56 12.35 9.18
CA ILE C 108 -6.32 13.10 8.93
C ILE C 108 -5.61 13.27 10.26
N GLN C 110 -6.01 11.40 12.97
CA GLN C 110 -5.58 10.07 13.42
C GLN C 110 -4.31 9.62 12.71
N ILE C 111 -4.24 9.82 11.41
CA ILE C 111 -3.05 9.42 10.67
C ILE C 111 -1.84 10.26 11.06
N ALA C 112 -2.08 11.49 11.50
CA ALA C 112 -1.01 12.38 11.91
C ALA C 112 -0.50 11.98 13.29
N GLY C 113 -1.26 11.14 13.99
CA GLY C 113 -0.84 10.69 15.30
C GLY C 113 -1.65 11.17 16.51
N TYR C 114 -2.70 11.95 16.27
CA TYR C 114 -3.53 12.47 17.35
C TYR C 114 -4.73 11.57 17.66
N SER C 115 -5.32 11.79 18.83
CA SER C 115 -6.48 11.02 19.24
C SER C 115 -7.69 11.94 19.41
N PRO C 116 -8.40 12.21 18.31
CA PRO C 116 -9.58 13.08 18.35
C PRO C 116 -10.64 12.58 19.33
N GLU C 117 -10.68 11.26 19.53
CA GLU C 117 -11.65 10.65 20.44
C GLU C 117 -11.51 11.07 21.90
N TYR C 118 -10.33 11.55 22.29
CA TYR C 118 -10.13 12.00 23.67
C TYR C 118 -10.21 13.51 23.80
N LYS C 120 -12.78 17.01 23.44
CA LYS C 120 -14.16 17.45 23.43
C LYS C 120 -14.37 17.92 22.00
N ASN C 121 -15.62 18.02 21.57
CA ASN C 121 -15.92 18.46 20.21
C ASN C 121 -15.31 19.83 19.92
N LYS C 122 -15.40 20.75 20.87
CA LYS C 122 -14.85 22.08 20.66
C LYS C 122 -13.33 22.06 20.59
N GLU C 123 -12.70 21.13 21.30
CA GLU C 123 -11.24 21.05 21.28
C GLU C 123 -10.76 20.65 19.88
N ILE C 124 -11.56 19.83 19.20
CA ILE C 124 -11.23 19.39 17.84
C ILE C 124 -11.32 20.60 16.91
N ILE C 125 -12.38 21.37 17.08
CA ILE C 125 -12.62 22.57 16.27
C ILE C 125 -11.49 23.58 16.50
N ASP C 126 -11.16 23.83 17.77
CA ASP C 126 -10.10 24.77 18.12
C ASP C 126 -8.77 24.31 17.51
N PHE C 127 -8.52 23.00 17.56
CA PHE C 127 -7.29 22.44 17.00
C PHE C 127 -7.27 22.72 15.51
N PHE C 128 -8.37 22.37 14.84
CA PHE C 128 -8.49 22.57 13.40
C PHE C 128 -8.23 24.01 12.99
N ASN C 129 -8.78 24.96 13.76
CA ASN C 129 -8.61 26.37 13.42
C ASN C 129 -7.18 26.90 13.52
N LYS C 130 -6.24 26.06 13.95
CA LYS C 130 -4.84 26.46 14.05
C LYS C 130 -3.97 25.74 13.01
N THR C 131 -4.59 24.88 12.20
CA THR C 131 -3.85 24.10 11.22
C THR C 131 -3.62 24.75 9.86
N LEU C 133 -4.39 23.36 7.15
CA LEU C 133 -5.59 23.09 6.37
C LEU C 133 -6.59 24.23 6.50
N TYR C 134 -6.75 24.73 7.72
CA TYR C 134 -7.67 25.85 7.96
C TYR C 134 -7.13 27.10 7.26
N LYS C 135 -5.86 27.42 7.53
CA LYS C 135 -5.22 28.59 6.95
C LYS C 135 -5.21 28.59 5.43
N LEU C 136 -5.19 27.39 4.84
CA LEU C 136 -5.21 27.26 3.39
C LEU C 136 -6.63 27.32 2.83
N HIS C 137 -7.42 26.27 3.08
CA HIS C 137 -8.77 26.21 2.53
C HIS C 137 -9.78 27.24 3.05
N VAL C 138 -9.79 27.47 4.35
CA VAL C 138 -10.74 28.42 4.93
C VAL C 138 -10.33 29.87 4.75
N GLU C 139 -9.08 30.20 5.05
CA GLU C 139 -8.59 31.57 4.93
C GLU C 139 -7.99 31.88 3.56
N ASN C 140 -8.04 30.92 2.65
CA ASN C 140 -7.48 31.12 1.32
C ASN C 140 -6.03 31.58 1.36
N ALA C 141 -5.29 31.08 2.34
CA ALA C 141 -3.87 31.39 2.53
C ALA C 141 -3.53 32.87 2.69
N THR C 142 -4.49 33.67 3.14
CA THR C 142 -4.24 35.09 3.31
C THR C 142 -3.21 35.36 4.42
N ASN C 143 -3.14 34.48 5.41
CA ASN C 143 -2.20 34.66 6.51
C ASN C 143 -1.00 33.73 6.46
N LEU C 144 -0.63 33.31 5.26
CA LEU C 144 0.52 32.42 5.09
C LEU C 144 1.53 33.16 4.20
N THR C 145 2.82 32.93 4.44
CA THR C 145 3.84 33.59 3.63
C THR C 145 4.45 32.70 2.55
N HIS C 146 4.37 31.38 2.73
CA HIS C 146 4.93 30.45 1.75
C HIS C 146 3.91 29.78 0.84
N PHE C 147 2.64 30.13 1.01
CA PHE C 147 1.59 29.53 0.18
C PHE C 147 0.68 30.62 -0.34
N ARG C 148 0.16 30.43 -1.54
CA ARG C 148 -0.70 31.41 -2.18
C ARG C 148 -1.76 30.68 -3.02
N LEU C 149 -3.02 31.08 -2.87
CA LEU C 149 -4.11 30.47 -3.62
C LEU C 149 -3.93 30.81 -5.09
N LEU C 150 -3.94 29.77 -5.92
CA LEU C 150 -3.75 29.92 -7.35
C LEU C 150 -5.06 29.87 -8.13
N LYS C 151 -5.90 28.89 -7.81
CA LYS C 151 -7.18 28.75 -8.50
C LYS C 151 -8.19 28.17 -7.52
N ASN C 152 -9.39 28.75 -7.52
CA ASN C 152 -10.46 28.34 -6.63
C ASN C 152 -11.58 27.72 -7.45
N PHE C 153 -11.76 26.41 -7.34
CA PHE C 153 -12.80 25.71 -8.08
C PHE C 153 -14.00 25.40 -7.20
N GLY C 154 -14.25 26.26 -6.22
CA GLY C 154 -15.38 26.05 -5.33
C GLY C 154 -15.06 25.16 -4.15
N THR C 155 -15.28 23.86 -4.30
CA THR C 155 -15.00 22.91 -3.23
C THR C 155 -13.57 22.40 -3.29
N VAL C 156 -12.89 22.67 -4.40
CA VAL C 156 -11.50 22.25 -4.60
C VAL C 156 -10.65 23.48 -4.85
N LYS C 157 -9.51 23.58 -4.15
CA LYS C 157 -8.64 24.74 -4.33
C LYS C 157 -7.20 24.30 -4.49
N ILE C 158 -6.46 25.00 -5.34
CA ILE C 158 -5.06 24.66 -5.55
C ILE C 158 -4.21 25.85 -5.14
N PHE C 159 -3.13 25.55 -4.41
CA PHE C 159 -2.20 26.57 -3.91
C PHE C 159 -0.80 26.30 -4.45
N GLU C 160 0.00 27.35 -4.55
CA GLU C 160 1.38 27.18 -5.00
C GLU C 160 2.29 27.46 -3.82
N VAL C 161 3.44 26.79 -3.81
CA VAL C 161 4.41 27.00 -2.74
C VAL C 161 5.28 28.17 -3.18
N LYS C 162 5.48 29.13 -2.28
CA LYS C 162 6.30 30.29 -2.59
C LYS C 162 7.17 30.64 -1.39
#